data_2GF6
#
_entry.id   2GF6
#
_cell.length_a   53.690
_cell.length_b   57.690
_cell.length_c   194.480
_cell.angle_alpha   90.000
_cell.angle_beta   90.000
_cell.angle_gamma   90.000
#
_symmetry.space_group_name_H-M   'P 2 2 21'
#
loop_
_entity.id
_entity.type
_entity.pdbx_description
1 polymer 'Conserved hypothetical protein'
2 non-polymer 'COENZYME A'
3 non-polymer 'CALCIUM ION'
4 water water
#
_entity_poly.entity_id   1
_entity_poly.type   'polypeptide(L)'
_entity_poly.pdbx_seq_one_letter_code
;G(MSE)ENIEYVFEDVVRIYDTDAQGIAHYAAYYRFFTNTIEKFIKEKVGIPYPIVNENLWFVIAESHAIYHRPVKLGDK
LTVLLNPKILSNKTIKFEFKVLKDGELTTEGYVIQIAINPKIWKSTE(MSE)PKEI(MSE)DKLSIK
;
_entity_poly.pdbx_strand_id   A,B,C,D
#
# COMPACT_ATOMS: atom_id res chain seq x y z
N GLU A 3 -8.87 -18.32 -18.77
CA GLU A 3 -8.43 -16.96 -18.45
C GLU A 3 -9.45 -16.29 -17.53
N ASN A 4 -8.99 -15.77 -16.39
CA ASN A 4 -9.84 -15.10 -15.38
C ASN A 4 -11.08 -15.89 -14.93
N ILE A 5 -11.00 -17.22 -15.00
CA ILE A 5 -12.12 -18.06 -14.60
C ILE A 5 -12.45 -17.97 -13.08
N GLU A 6 -11.47 -17.66 -12.25
CA GLU A 6 -11.73 -17.47 -10.80
C GLU A 6 -12.67 -16.31 -10.54
N TYR A 7 -12.76 -15.41 -11.50
CA TYR A 7 -13.42 -14.15 -11.31
C TYR A 7 -14.82 -14.18 -11.86
N VAL A 8 -15.18 -15.26 -12.57
CA VAL A 8 -16.49 -15.42 -13.21
C VAL A 8 -17.30 -16.51 -12.51
N PHE A 9 -18.53 -16.16 -12.10
CA PHE A 9 -19.46 -17.12 -11.50
C PHE A 9 -20.83 -17.00 -12.15
N GLU A 10 -21.47 -18.13 -12.45
CA GLU A 10 -22.83 -18.10 -12.99
C GLU A 10 -23.86 -18.71 -12.05
N ASP A 11 -25.04 -18.09 -12.01
CA ASP A 11 -26.11 -18.53 -11.13
C ASP A 11 -27.46 -18.26 -11.80
N VAL A 12 -28.53 -18.73 -11.18
CA VAL A 12 -29.89 -18.62 -11.74
C VAL A 12 -30.81 -18.15 -10.61
N VAL A 13 -31.73 -17.24 -10.94
CA VAL A 13 -32.65 -16.70 -9.96
C VAL A 13 -33.74 -17.70 -9.62
N ARG A 14 -33.90 -17.95 -8.31
CA ARG A 14 -34.73 -19.02 -7.78
C ARG A 14 -35.91 -18.41 -7.03
N ILE A 15 -36.91 -19.23 -6.72
CA ILE A 15 -38.10 -18.72 -6.01
C ILE A 15 -37.75 -18.10 -4.66
N TYR A 16 -36.79 -18.70 -3.99
CA TYR A 16 -36.37 -18.17 -2.71
C TYR A 16 -35.50 -16.91 -2.89
N ASP A 17 -35.18 -16.53 -4.13
CA ASP A 17 -34.47 -15.24 -4.34
C ASP A 17 -35.40 -14.05 -4.53
N THR A 18 -36.70 -14.30 -4.58
CA THR A 18 -37.69 -13.29 -4.93
C THR A 18 -38.63 -12.97 -3.78
N ASP A 19 -39.30 -11.81 -3.86
CA ASP A 19 -40.35 -11.42 -2.92
C ASP A 19 -41.59 -11.08 -3.70
N ALA A 20 -42.66 -10.58 -3.07
CA ALA A 20 -43.91 -10.35 -3.83
C ALA A 20 -43.82 -9.32 -4.97
N GLN A 21 -42.74 -8.56 -5.08
CA GLN A 21 -42.54 -7.69 -6.23
C GLN A 21 -42.04 -8.43 -7.50
N GLY A 22 -41.95 -9.77 -7.47
CA GLY A 22 -41.58 -10.56 -8.68
C GLY A 22 -40.12 -10.44 -9.15
N ILE A 23 -39.26 -9.93 -8.27
CA ILE A 23 -37.88 -9.65 -8.63
C ILE A 23 -37.04 -10.13 -7.49
N ALA A 24 -35.75 -10.30 -7.78
CA ALA A 24 -34.79 -10.64 -6.75
C ALA A 24 -34.69 -9.54 -5.68
N HIS A 25 -34.60 -9.97 -4.44
CA HIS A 25 -34.61 -9.10 -3.27
C HIS A 25 -33.18 -8.85 -2.75
N TYR A 26 -33.07 -7.96 -1.77
CA TYR A 26 -31.80 -7.57 -1.20
C TYR A 26 -30.87 -8.71 -0.85
N ALA A 27 -31.40 -9.76 -0.22
CA ALA A 27 -30.55 -10.84 0.30
C ALA A 27 -30.13 -11.72 -0.83
N ALA A 28 -30.91 -11.74 -1.89
CA ALA A 28 -30.56 -12.58 -3.02
C ALA A 28 -29.18 -12.19 -3.55
N TYR A 29 -28.94 -10.89 -3.58
CA TYR A 29 -27.70 -10.37 -4.18
C TYR A 29 -26.49 -10.79 -3.36
N TYR A 30 -26.70 -10.90 -2.04
CA TYR A 30 -25.74 -11.47 -1.11
C TYR A 30 -25.52 -12.92 -1.42
N ARG A 31 -26.58 -13.62 -1.79
CA ARG A 31 -26.42 -15.01 -2.14
C ARG A 31 -25.47 -15.04 -3.30
N PHE A 32 -25.69 -14.18 -4.26
CA PHE A 32 -24.91 -14.27 -5.49
C PHE A 32 -23.44 -13.91 -5.26
N PHE A 33 -23.18 -12.81 -4.54
CA PHE A 33 -21.81 -12.32 -4.47
C PHE A 33 -20.98 -13.17 -3.48
N THR A 34 -21.64 -13.68 -2.43
CA THR A 34 -21.01 -14.67 -1.52
C THR A 34 -20.57 -15.93 -2.27
N ASN A 35 -21.44 -16.48 -3.09
CA ASN A 35 -21.04 -17.59 -3.93
C ASN A 35 -19.87 -17.20 -4.82
N THR A 36 -19.93 -16.00 -5.39
CA THR A 36 -18.83 -15.59 -6.30
C THR A 36 -17.51 -15.50 -5.52
N ILE A 37 -17.55 -14.85 -4.36
CA ILE A 37 -16.35 -14.66 -3.52
C ILE A 37 -15.86 -15.98 -2.94
N GLU A 38 -16.79 -16.79 -2.46
CA GLU A 38 -16.43 -18.08 -1.94
C GLU A 38 -15.71 -18.88 -3.01
N LYS A 39 -16.20 -18.87 -4.25
CA LYS A 39 -15.58 -19.69 -5.31
C LYS A 39 -14.18 -19.18 -5.63
N PHE A 40 -14.07 -17.85 -5.76
CA PHE A 40 -12.78 -17.22 -5.99
C PHE A 40 -11.74 -17.63 -4.94
N ILE A 41 -12.10 -17.52 -3.67
CA ILE A 41 -11.15 -17.83 -2.59
C ILE A 41 -10.72 -19.28 -2.67
N LYS A 42 -11.67 -20.17 -2.97
CA LYS A 42 -11.39 -21.59 -3.05
C LYS A 42 -10.38 -21.83 -4.14
N GLU A 43 -10.65 -21.30 -5.33
CA GLU A 43 -9.79 -21.53 -6.49
C GLU A 43 -8.44 -20.78 -6.43
N LYS A 44 -8.42 -19.57 -5.90
CA LYS A 44 -7.18 -18.78 -5.90
C LYS A 44 -6.27 -19.08 -4.69
N VAL A 45 -6.88 -19.26 -3.52
CA VAL A 45 -6.14 -19.43 -2.25
C VAL A 45 -6.25 -20.86 -1.74
N GLY A 46 -7.32 -21.55 -2.10
CA GLY A 46 -7.50 -22.92 -1.65
C GLY A 46 -7.91 -23.09 -0.20
N ILE A 47 -8.74 -22.19 0.30
CA ILE A 47 -9.14 -22.23 1.68
C ILE A 47 -10.63 -22.00 1.76
N PRO A 48 -11.24 -22.37 2.90
CA PRO A 48 -12.65 -22.03 3.14
C PRO A 48 -12.89 -20.55 3.41
N TYR A 49 -14.12 -20.10 3.12
CA TYR A 49 -14.49 -18.71 3.29
C TYR A 49 -15.96 -18.70 3.73
N PRO A 50 -16.35 -17.83 4.68
CA PRO A 50 -15.60 -16.73 5.34
C PRO A 50 -14.91 -17.16 6.65
N ILE A 51 -15.10 -18.42 7.06
CA ILE A 51 -14.44 -18.95 8.22
C ILE A 51 -13.29 -19.83 7.72
N VAL A 52 -12.08 -19.32 7.87
CA VAL A 52 -10.91 -20.03 7.40
C VAL A 52 -10.49 -21.09 8.42
N ASN A 53 -10.32 -20.68 9.67
CA ASN A 53 -10.01 -21.56 10.80
C ASN A 53 -10.44 -20.88 12.11
N GLU A 54 -10.20 -21.52 13.26
CA GLU A 54 -10.65 -20.96 14.53
C GLU A 54 -10.03 -19.58 14.84
N ASN A 55 -8.84 -19.33 14.31
CA ASN A 55 -8.11 -18.06 14.51
C ASN A 55 -8.27 -17.02 13.38
N LEU A 56 -8.99 -17.33 12.30
CA LEU A 56 -9.05 -16.46 11.10
C LEU A 56 -10.39 -16.52 10.43
N TRP A 57 -11.11 -15.41 10.54
CA TRP A 57 -12.38 -15.19 9.85
C TRP A 57 -12.35 -13.95 8.96
N PHE A 58 -13.23 -13.89 7.95
CA PHE A 58 -13.50 -12.67 7.20
C PHE A 58 -14.89 -12.13 7.61
N VAL A 59 -14.95 -10.86 7.95
CA VAL A 59 -16.21 -10.22 8.30
C VAL A 59 -16.39 -8.96 7.48
N ILE A 60 -17.63 -8.70 7.04
CA ILE A 60 -17.98 -7.54 6.21
C ILE A 60 -17.98 -6.23 7.03
N ALA A 61 -17.24 -5.24 6.54
CA ALA A 61 -17.17 -3.92 7.15
C ALA A 61 -18.02 -2.91 6.45
N GLU A 62 -18.36 -3.18 5.19
CA GLU A 62 -19.08 -2.18 4.43
C GLU A 62 -19.62 -2.86 3.21
N SER A 63 -20.83 -2.46 2.80
CA SER A 63 -21.42 -2.97 1.57
C SER A 63 -22.07 -1.85 0.78
N HIS A 64 -22.01 -1.98 -0.53
CA HIS A 64 -22.61 -1.05 -1.42
C HIS A 64 -23.09 -1.72 -2.70
N ALA A 65 -24.26 -1.31 -3.18
CA ALA A 65 -24.80 -1.76 -4.46
C ALA A 65 -25.70 -0.72 -5.15
N ILE A 66 -25.68 -0.74 -6.48
CA ILE A 66 -26.57 0.02 -7.34
C ILE A 66 -27.30 -1.01 -8.23
N TYR A 67 -28.63 -0.90 -8.28
CA TYR A 67 -29.47 -1.86 -8.96
C TYR A 67 -30.06 -1.17 -10.19
N HIS A 68 -29.42 -1.37 -11.34
CA HIS A 68 -29.80 -0.69 -12.56
C HIS A 68 -31.03 -1.34 -13.14
N ARG A 69 -31.08 -2.65 -13.05
CA ARG A 69 -32.16 -3.39 -13.67
C ARG A 69 -32.55 -4.50 -12.76
N PRO A 70 -33.82 -4.89 -12.82
CA PRO A 70 -34.29 -5.97 -12.00
C PRO A 70 -33.88 -7.31 -12.59
N VAL A 71 -33.79 -8.32 -11.74
CA VAL A 71 -33.70 -9.70 -12.21
C VAL A 71 -34.86 -10.52 -11.62
N LYS A 72 -35.28 -11.51 -12.38
CA LYS A 72 -36.51 -12.23 -12.13
C LYS A 72 -36.31 -13.71 -12.01
N LEU A 73 -37.37 -14.38 -11.60
CA LEU A 73 -37.32 -15.81 -11.37
C LEU A 73 -36.93 -16.51 -12.67
N GLY A 74 -35.87 -17.30 -12.63
CA GLY A 74 -35.46 -18.05 -13.83
C GLY A 74 -34.31 -17.42 -14.60
N ASP A 75 -34.08 -16.11 -14.43
CA ASP A 75 -33.01 -15.45 -15.18
C ASP A 75 -31.69 -16.12 -14.83
N LYS A 76 -30.83 -16.34 -15.82
CA LYS A 76 -29.45 -16.73 -15.56
C LYS A 76 -28.61 -15.48 -15.42
N LEU A 77 -27.64 -15.53 -14.51
CA LEU A 77 -26.80 -14.39 -14.20
C LEU A 77 -25.33 -14.76 -14.22
N THR A 78 -24.49 -13.79 -14.52
CA THR A 78 -23.06 -13.95 -14.50
C THR A 78 -22.58 -12.86 -13.55
N VAL A 79 -21.86 -13.26 -12.51
CA VAL A 79 -21.21 -12.31 -11.63
C VAL A 79 -19.72 -12.23 -12.04
N LEU A 80 -19.23 -11.00 -12.18
CA LEU A 80 -17.83 -10.69 -12.43
C LEU A 80 -17.22 -10.10 -11.16
N LEU A 81 -16.11 -10.66 -10.71
CA LEU A 81 -15.44 -10.19 -9.50
C LEU A 81 -14.13 -9.47 -9.79
N ASN A 82 -13.89 -8.39 -9.05
CA ASN A 82 -12.63 -7.70 -9.06
C ASN A 82 -12.14 -7.46 -7.64
N PRO A 83 -11.33 -8.38 -7.09
CA PRO A 83 -10.76 -8.17 -5.76
C PRO A 83 -9.68 -7.08 -5.77
N LYS A 84 -9.77 -6.14 -4.83
CA LYS A 84 -8.79 -5.08 -4.64
C LYS A 84 -8.24 -5.22 -3.22
N ILE A 85 -6.96 -5.49 -3.11
CA ILE A 85 -6.32 -5.60 -1.83
C ILE A 85 -5.98 -4.20 -1.30
N LEU A 86 -6.72 -3.74 -0.28
CA LEU A 86 -6.51 -2.40 0.34
C LEU A 86 -5.39 -2.34 1.39
N SER A 87 -5.11 -3.46 2.03
CA SER A 87 -4.09 -3.49 3.06
C SER A 87 -3.62 -4.92 3.34
N ASN A 88 -2.77 -5.05 4.36
CA ASN A 88 -2.40 -6.37 4.87
C ASN A 88 -3.57 -7.16 5.48
N LYS A 89 -4.76 -6.57 5.53
CA LYS A 89 -5.87 -7.23 6.19
C LYS A 89 -7.26 -6.99 5.65
N THR A 90 -7.41 -6.13 4.64
CA THR A 90 -8.71 -5.75 4.10
C THR A 90 -8.73 -5.91 2.57
N ILE A 91 -9.85 -6.42 2.06
CA ILE A 91 -10.05 -6.59 0.62
C ILE A 91 -11.38 -5.98 0.25
N LYS A 92 -11.45 -5.33 -0.90
CA LYS A 92 -12.67 -4.80 -1.46
C LYS A 92 -13.02 -5.67 -2.65
N PHE A 93 -14.11 -6.42 -2.53
CA PHE A 93 -14.57 -7.30 -3.55
C PHE A 93 -15.60 -6.53 -4.35
N GLU A 94 -15.16 -5.94 -5.46
CA GLU A 94 -16.05 -5.24 -6.41
C GLU A 94 -16.73 -6.27 -7.31
N PHE A 95 -17.99 -6.06 -7.67
CA PHE A 95 -18.71 -7.02 -8.51
C PHE A 95 -19.69 -6.35 -9.46
N LYS A 96 -19.94 -7.02 -10.58
CA LYS A 96 -20.98 -6.63 -11.53
C LYS A 96 -21.83 -7.85 -11.77
N VAL A 97 -23.14 -7.63 -11.90
CA VAL A 97 -24.05 -8.68 -12.34
C VAL A 97 -24.53 -8.40 -13.77
N LEU A 98 -24.46 -9.41 -14.62
CA LEU A 98 -24.95 -9.30 -16.01
C LEU A 98 -26.10 -10.26 -16.25
N LYS A 99 -26.94 -9.89 -17.20
CA LYS A 99 -28.02 -10.75 -17.62
C LYS A 99 -28.13 -10.61 -19.13
N ASP A 100 -28.06 -11.74 -19.83
CA ASP A 100 -27.94 -11.74 -21.28
C ASP A 100 -26.89 -10.71 -21.68
N GLY A 101 -25.77 -10.73 -20.98
CA GLY A 101 -24.70 -9.77 -21.21
C GLY A 101 -25.01 -8.28 -21.09
N GLU A 102 -26.10 -7.89 -20.42
CA GLU A 102 -26.33 -6.48 -20.06
C GLU A 102 -26.17 -6.26 -18.54
N LEU A 103 -25.63 -5.10 -18.16
CA LEU A 103 -25.34 -4.80 -16.75
C LEU A 103 -26.62 -4.55 -16.01
N THR A 104 -26.85 -5.32 -14.95
CA THR A 104 -28.02 -5.16 -14.12
C THR A 104 -27.68 -4.58 -12.77
N THR A 105 -26.49 -4.85 -12.25
CA THR A 105 -26.16 -4.53 -10.88
C THR A 105 -24.67 -4.33 -10.76
N GLU A 106 -24.25 -3.39 -9.90
CA GLU A 106 -22.83 -3.29 -9.51
C GLU A 106 -22.66 -2.92 -8.03
N GLY A 107 -21.54 -3.32 -7.43
CA GLY A 107 -21.34 -3.06 -6.02
C GLY A 107 -20.01 -3.50 -5.50
N TYR A 108 -19.88 -3.49 -4.17
CA TYR A 108 -18.70 -4.05 -3.53
C TYR A 108 -19.06 -4.43 -2.13
N VAL A 109 -18.31 -5.36 -1.57
CA VAL A 109 -18.28 -5.55 -0.12
C VAL A 109 -16.82 -5.47 0.25
N ILE A 110 -16.59 -4.92 1.42
CA ILE A 110 -15.29 -4.84 1.97
C ILE A 110 -15.19 -5.81 3.12
N GLN A 111 -14.18 -6.66 3.05
CA GLN A 111 -13.97 -7.66 4.06
C GLN A 111 -12.67 -7.52 4.77
N ILE A 112 -12.71 -7.79 6.07
CA ILE A 112 -11.57 -7.64 6.94
C ILE A 112 -11.31 -8.98 7.58
N ALA A 113 -10.03 -9.37 7.59
CA ALA A 113 -9.55 -10.53 8.30
C ALA A 113 -9.50 -10.22 9.82
N ILE A 114 -10.03 -11.12 10.63
CA ILE A 114 -10.02 -10.97 12.07
C ILE A 114 -9.65 -12.21 12.84
N ASN A 115 -9.16 -12.01 14.05
CA ASN A 115 -9.17 -13.05 15.05
C ASN A 115 -10.51 -12.96 15.86
N PRO A 116 -11.35 -14.01 15.76
CA PRO A 116 -12.68 -13.96 16.35
C PRO A 116 -12.69 -14.29 17.84
N LYS A 117 -11.58 -14.82 18.37
CA LYS A 117 -11.44 -15.12 19.80
C LYS A 117 -11.27 -13.85 20.64
N ILE A 118 -10.60 -12.85 20.06
CA ILE A 118 -10.51 -11.51 20.64
C ILE A 118 -11.34 -10.48 19.88
N TRP A 119 -11.80 -10.84 18.70
CA TRP A 119 -12.58 -9.95 17.85
C TRP A 119 -11.87 -8.62 17.45
N LYS A 120 -10.60 -8.72 17.05
CA LYS A 120 -9.85 -7.58 16.49
C LYS A 120 -9.30 -8.02 15.13
N SER A 121 -9.03 -7.06 14.26
CA SER A 121 -8.61 -7.36 12.90
C SER A 121 -7.20 -7.89 13.03
N THR A 122 -6.72 -8.63 12.02
CA THR A 122 -5.41 -9.25 12.08
C THR A 122 -4.81 -9.35 10.66
N GLU A 123 -3.49 -9.22 10.54
CA GLU A 123 -2.80 -9.35 9.26
C GLU A 123 -3.08 -10.73 8.66
N PRO A 125 -2.22 -14.13 6.94
CA PRO A 125 -0.96 -14.86 6.90
C PRO A 125 -0.33 -14.77 5.52
N LYS A 126 0.98 -14.96 5.45
CA LYS A 126 1.68 -14.83 4.18
C LYS A 126 1.26 -16.00 3.27
N GLU A 127 1.04 -17.19 3.84
CA GLU A 127 0.44 -18.28 3.07
C GLU A 127 -0.64 -17.69 2.16
N ILE A 128 -1.62 -17.06 2.79
CA ILE A 128 -2.82 -16.56 2.11
C ILE A 128 -2.54 -15.37 1.21
N ASP A 130 0.35 -14.42 -0.27
CA ASP A 130 1.13 -14.80 -1.44
C ASP A 130 0.21 -15.27 -2.58
N LYS A 131 -0.81 -16.05 -2.24
CA LYS A 131 -1.75 -16.58 -3.26
C LYS A 131 -2.73 -15.54 -3.80
N LEU A 132 -3.31 -14.75 -2.90
CA LEU A 132 -4.15 -13.62 -3.29
C LEU A 132 -3.45 -12.60 -4.15
N SER A 133 -2.15 -12.43 -3.93
CA SER A 133 -1.39 -11.38 -4.65
C SER A 133 -1.14 -11.70 -6.13
N ILE A 134 -1.39 -12.95 -6.55
CA ILE A 134 -1.22 -13.35 -7.95
C ILE A 134 -2.45 -13.03 -8.81
N LYS A 135 -2.20 -12.47 -9.99
CA LYS A 135 -3.21 -12.18 -11.04
C LYS A 135 -3.80 -10.76 -10.89
N GLU B 3 -42.84 12.47 19.97
CA GLU B 3 -43.17 13.27 18.78
C GLU B 3 -42.47 12.79 17.47
N ASN B 4 -41.23 12.32 17.64
CA ASN B 4 -40.46 11.73 16.55
C ASN B 4 -40.50 10.20 16.56
N ILE B 5 -41.52 9.63 17.19
CA ILE B 5 -41.56 8.16 17.33
C ILE B 5 -41.69 7.46 15.99
N GLU B 6 -42.24 8.13 14.98
CA GLU B 6 -42.35 7.52 13.64
C GLU B 6 -41.00 7.23 12.99
N TYR B 7 -39.92 7.78 13.56
CA TYR B 7 -38.59 7.61 13.05
C TYR B 7 -37.75 6.61 13.85
N VAL B 8 -38.36 5.95 14.84
CA VAL B 8 -37.64 5.11 15.79
C VAL B 8 -38.26 3.74 15.82
N PHE B 9 -37.45 2.72 15.60
CA PHE B 9 -37.92 1.34 15.60
C PHE B 9 -36.93 0.51 16.42
N GLU B 10 -37.47 -0.35 17.30
CA GLU B 10 -36.67 -1.15 18.19
C GLU B 10 -37.03 -2.62 18.14
N ASP B 11 -36.03 -3.50 18.18
CA ASP B 11 -36.28 -4.95 18.24
C ASP B 11 -35.03 -5.65 18.66
N VAL B 12 -35.18 -6.94 18.96
CA VAL B 12 -34.09 -7.83 19.39
C VAL B 12 -33.57 -8.69 18.22
N VAL B 13 -32.28 -9.02 18.27
CA VAL B 13 -31.68 -9.94 17.30
C VAL B 13 -32.09 -11.38 17.74
N ARG B 14 -32.68 -12.13 16.81
CA ARG B 14 -33.13 -13.51 17.01
C ARG B 14 -32.26 -14.49 16.24
N ILE B 15 -32.57 -15.78 16.38
CA ILE B 15 -31.68 -16.86 15.90
C ILE B 15 -31.48 -16.73 14.40
N TYR B 16 -32.57 -16.38 13.74
CA TYR B 16 -32.62 -16.30 12.29
C TYR B 16 -32.10 -15.00 11.74
N ASP B 17 -31.57 -14.12 12.60
CA ASP B 17 -30.82 -12.98 12.12
C ASP B 17 -29.33 -13.25 12.15
N THR B 18 -28.93 -14.41 12.67
CA THR B 18 -27.54 -14.79 12.79
C THR B 18 -27.12 -15.89 11.83
N ASP B 19 -25.83 -15.91 11.51
CA ASP B 19 -25.22 -17.02 10.83
C ASP B 19 -24.18 -17.57 11.76
N ALA B 20 -23.36 -18.48 11.26
CA ALA B 20 -22.40 -19.26 12.12
C ALA B 20 -21.23 -18.48 12.63
N GLN B 21 -21.07 -17.25 12.15
CA GLN B 21 -20.14 -16.33 12.78
C GLN B 21 -20.75 -15.65 14.05
N GLY B 22 -21.98 -16.01 14.40
CA GLY B 22 -22.51 -15.65 15.71
C GLY B 22 -22.81 -14.18 15.83
N ILE B 23 -22.91 -13.50 14.70
CA ILE B 23 -23.28 -12.12 14.66
C ILE B 23 -24.41 -12.00 13.66
N ALA B 24 -25.12 -10.88 13.71
CA ALA B 24 -26.18 -10.63 12.75
C ALA B 24 -25.61 -10.59 11.36
N HIS B 25 -26.37 -11.09 10.40
CA HIS B 25 -25.94 -11.20 9.04
C HIS B 25 -26.54 -10.10 8.15
N TYR B 26 -26.05 -10.05 6.92
CA TYR B 26 -26.39 -9.01 5.94
C TYR B 26 -27.90 -8.81 5.82
N ALA B 27 -28.66 -9.89 5.80
CA ALA B 27 -30.12 -9.81 5.55
C ALA B 27 -30.87 -9.40 6.81
N ALA B 28 -30.27 -9.62 7.96
CA ALA B 28 -30.90 -9.20 9.16
C ALA B 28 -30.96 -7.69 9.25
N TYR B 29 -29.98 -6.97 8.71
CA TYR B 29 -30.02 -5.50 8.78
C TYR B 29 -31.14 -4.97 7.92
N TYR B 30 -31.43 -5.68 6.84
CA TYR B 30 -32.56 -5.34 5.95
C TYR B 30 -33.96 -5.54 6.58
N ARG B 31 -34.07 -6.54 7.42
CA ARG B 31 -35.29 -6.74 8.17
C ARG B 31 -35.44 -5.56 9.10
N PHE B 32 -34.37 -5.24 9.83
CA PHE B 32 -34.41 -4.09 10.73
C PHE B 32 -34.74 -2.76 10.03
N PHE B 33 -34.03 -2.45 8.95
CA PHE B 33 -34.29 -1.20 8.25
C PHE B 33 -35.56 -1.26 7.42
N THR B 34 -35.95 -2.46 6.98
CA THR B 34 -37.28 -2.57 6.32
C THR B 34 -38.45 -2.32 7.28
N ASN B 35 -38.33 -2.83 8.49
CA ASN B 35 -39.37 -2.61 9.52
C ASN B 35 -39.47 -1.14 9.89
N THR B 36 -38.34 -0.44 9.88
CA THR B 36 -38.27 0.96 10.28
C THR B 36 -38.96 1.84 9.22
N ILE B 37 -38.69 1.56 7.95
CA ILE B 37 -39.27 2.33 6.84
C ILE B 37 -40.75 2.05 6.67
N GLU B 38 -41.14 0.80 6.87
CA GLU B 38 -42.52 0.45 6.80
C GLU B 38 -43.35 1.15 7.88
N LYS B 39 -42.83 1.21 9.11
CA LYS B 39 -43.60 1.85 10.18
C LYS B 39 -43.77 3.35 9.90
N PHE B 40 -42.63 3.97 9.57
CA PHE B 40 -42.57 5.39 9.22
C PHE B 40 -43.64 5.75 8.19
N ILE B 41 -43.62 5.05 7.06
CA ILE B 41 -44.57 5.31 5.98
C ILE B 41 -46.00 5.10 6.45
N LYS B 42 -46.20 4.04 7.23
CA LYS B 42 -47.53 3.78 7.80
C LYS B 42 -48.00 4.95 8.63
N GLU B 43 -47.18 5.38 9.58
CA GLU B 43 -47.57 6.45 10.52
C GLU B 43 -47.57 7.86 9.92
N LYS B 44 -46.59 8.15 9.06
CA LYS B 44 -46.47 9.46 8.40
C LYS B 44 -47.40 9.63 7.20
N VAL B 45 -47.44 8.62 6.35
CA VAL B 45 -48.25 8.71 5.13
C VAL B 45 -49.63 8.01 5.26
N GLY B 46 -49.70 6.89 5.95
CA GLY B 46 -50.98 6.16 6.12
C GLY B 46 -51.24 5.14 5.03
N ILE B 47 -50.19 4.69 4.38
CA ILE B 47 -50.29 3.77 3.26
C ILE B 47 -49.36 2.61 3.48
N PRO B 48 -49.59 1.50 2.75
CA PRO B 48 -48.69 0.35 2.83
C PRO B 48 -47.40 0.54 2.04
N TYR B 49 -46.38 -0.22 2.45
CA TYR B 49 -45.06 -0.16 1.85
C TYR B 49 -44.46 -1.56 1.82
N PRO B 50 -43.69 -1.88 0.75
CA PRO B 50 -43.31 -1.03 -0.40
C PRO B 50 -44.26 -1.14 -1.60
N ILE B 51 -45.29 -1.98 -1.47
CA ILE B 51 -46.30 -2.10 -2.49
C ILE B 51 -47.42 -1.25 -1.96
N VAL B 52 -47.67 -0.15 -2.67
CA VAL B 52 -48.68 0.81 -2.28
C VAL B 52 -49.99 0.44 -2.93
N ASN B 53 -49.96 0.21 -4.24
CA ASN B 53 -51.10 -0.32 -4.98
C ASN B 53 -50.68 -0.98 -6.28
N GLU B 54 -51.62 -1.35 -7.13
CA GLU B 54 -51.30 -2.00 -8.40
C GLU B 54 -50.53 -1.08 -9.39
N ASN B 55 -50.66 0.23 -9.22
CA ASN B 55 -50.00 1.22 -10.05
C ASN B 55 -48.82 1.93 -9.41
N LEU B 56 -48.49 1.59 -8.16
CA LEU B 56 -47.40 2.25 -7.43
C LEU B 56 -46.71 1.35 -6.43
N TRP B 57 -45.43 1.10 -6.72
CA TRP B 57 -44.55 0.38 -5.83
C TRP B 57 -43.31 1.21 -5.57
N PHE B 58 -42.62 0.87 -4.48
CA PHE B 58 -41.27 1.34 -4.22
C PHE B 58 -40.22 0.20 -4.36
N VAL B 59 -39.19 0.42 -5.18
CA VAL B 59 -38.08 -0.54 -5.31
C VAL B 59 -36.77 0.15 -4.97
N ILE B 60 -35.77 -0.66 -4.55
CA ILE B 60 -34.48 -0.14 -4.10
C ILE B 60 -33.57 0.04 -5.27
N ALA B 61 -33.08 1.28 -5.45
CA ALA B 61 -32.15 1.60 -6.56
C ALA B 61 -30.68 1.58 -6.13
N GLU B 62 -30.44 1.68 -4.82
CA GLU B 62 -29.11 1.74 -4.31
C GLU B 62 -29.10 1.46 -2.82
N SER B 63 -28.02 0.84 -2.34
CA SER B 63 -27.92 0.57 -0.93
C SER B 63 -26.50 0.65 -0.45
N HIS B 64 -26.34 1.02 0.82
CA HIS B 64 -25.02 1.20 1.42
C HIS B 64 -25.12 0.91 2.89
N ALA B 65 -24.10 0.27 3.47
CA ALA B 65 -24.03 0.11 4.91
C ALA B 65 -22.58 0.00 5.35
N ILE B 66 -22.28 0.57 6.51
CA ILE B 66 -20.97 0.53 7.12
C ILE B 66 -21.20 -0.13 8.47
N TYR B 67 -20.56 -1.27 8.72
CA TYR B 67 -20.84 -2.04 9.93
C TYR B 67 -19.73 -1.84 10.94
N HIS B 68 -19.90 -0.91 11.88
CA HIS B 68 -18.77 -0.47 12.73
C HIS B 68 -18.50 -1.47 13.81
N ARG B 69 -19.58 -2.04 14.33
CA ARG B 69 -19.50 -2.93 15.45
C ARG B 69 -20.47 -4.10 15.23
N PRO B 70 -20.17 -5.26 15.82
CA PRO B 70 -21.04 -6.42 15.59
C PRO B 70 -22.25 -6.35 16.54
N VAL B 71 -23.38 -6.89 16.12
CA VAL B 71 -24.50 -7.17 17.02
C VAL B 71 -24.72 -8.69 17.12
N LYS B 72 -24.98 -9.18 18.34
CA LYS B 72 -25.05 -10.61 18.67
C LYS B 72 -26.51 -11.03 18.97
N LEU B 73 -26.77 -12.33 19.00
CA LEU B 73 -28.09 -12.85 19.36
C LEU B 73 -28.58 -12.26 20.66
N GLY B 74 -29.83 -11.81 20.70
CA GLY B 74 -30.37 -11.23 21.94
C GLY B 74 -30.12 -9.73 22.16
N ASP B 75 -29.33 -9.09 21.31
CA ASP B 75 -29.15 -7.63 21.45
C ASP B 75 -30.45 -6.88 21.12
N LYS B 76 -30.86 -5.95 22.01
CA LYS B 76 -31.93 -4.99 21.71
C LYS B 76 -31.31 -3.88 20.85
N LEU B 77 -31.73 -3.80 19.60
CA LEU B 77 -31.30 -2.74 18.71
C LEU B 77 -32.32 -1.62 18.61
N THR B 78 -31.82 -0.41 18.49
CA THR B 78 -32.62 0.74 18.15
C THR B 78 -32.20 1.21 16.74
N VAL B 79 -33.18 1.39 15.84
CA VAL B 79 -32.94 1.99 14.51
C VAL B 79 -33.55 3.41 14.42
N LEU B 80 -32.73 4.36 13.95
CA LEU B 80 -33.12 5.76 13.77
C LEU B 80 -33.18 6.08 12.29
N LEU B 81 -34.29 6.66 11.86
CA LEU B 81 -34.50 6.93 10.45
C LEU B 81 -34.45 8.41 10.13
N ASN B 82 -33.73 8.75 9.07
CA ASN B 82 -33.78 10.09 8.51
C ASN B 82 -34.08 10.04 6.99
N PRO B 83 -35.38 10.20 6.65
CA PRO B 83 -35.74 10.21 5.26
C PRO B 83 -35.45 11.57 4.67
N LYS B 84 -34.92 11.58 3.46
CA LYS B 84 -34.69 12.78 2.69
C LYS B 84 -35.42 12.58 1.35
N ILE B 85 -36.34 13.47 1.02
CA ILE B 85 -37.04 13.36 -0.24
C ILE B 85 -36.18 13.98 -1.33
N LEU B 86 -35.52 13.17 -2.13
CA LEU B 86 -34.64 13.68 -3.18
C LEU B 86 -35.41 14.20 -4.39
N SER B 87 -36.55 13.62 -4.72
CA SER B 87 -37.40 14.21 -5.76
C SER B 87 -38.83 13.68 -5.64
N ASN B 88 -39.70 14.02 -6.58
CA ASN B 88 -41.04 13.43 -6.59
C ASN B 88 -41.04 11.95 -7.01
N LYS B 89 -39.84 11.40 -7.22
CA LYS B 89 -39.65 9.99 -7.60
C LYS B 89 -38.75 9.21 -6.65
N THR B 90 -37.97 9.91 -5.79
CA THR B 90 -36.87 9.29 -5.04
C THR B 90 -36.85 9.67 -3.57
N ILE B 91 -36.58 8.68 -2.71
CA ILE B 91 -36.35 8.92 -1.27
C ILE B 91 -35.10 8.20 -0.81
N LYS B 92 -34.22 8.92 -0.14
CA LYS B 92 -33.10 8.32 0.56
C LYS B 92 -33.53 8.15 2.00
N PHE B 93 -33.61 6.91 2.45
CA PHE B 93 -33.87 6.61 3.84
C PHE B 93 -32.52 6.34 4.47
N GLU B 94 -31.99 7.32 5.20
CA GLU B 94 -30.79 7.11 6.00
C GLU B 94 -31.23 6.43 7.27
N PHE B 95 -30.35 5.58 7.82
CA PHE B 95 -30.59 4.95 9.09
C PHE B 95 -29.30 4.80 9.89
N LYS B 96 -29.50 4.71 11.21
CA LYS B 96 -28.45 4.40 12.15
C LYS B 96 -29.00 3.29 13.04
N VAL B 97 -28.12 2.35 13.42
CA VAL B 97 -28.49 1.28 14.35
C VAL B 97 -27.62 1.46 15.56
N LEU B 98 -28.24 1.38 16.73
CA LEU B 98 -27.55 1.56 18.01
C LEU B 98 -27.90 0.43 18.98
N LYS B 99 -26.93 0.08 19.83
CA LYS B 99 -27.13 -0.79 21.00
C LYS B 99 -26.77 0.03 22.23
N ASP B 100 -27.74 0.24 23.11
CA ASP B 100 -27.60 1.04 24.32
C ASP B 100 -27.02 2.42 24.07
N GLY B 101 -27.38 3.03 22.95
CA GLY B 101 -26.94 4.41 22.62
C GLY B 101 -25.61 4.47 21.89
N GLU B 102 -25.04 3.30 21.61
CA GLU B 102 -23.74 3.18 20.96
C GLU B 102 -23.98 2.69 19.54
N LEU B 103 -23.50 3.48 18.58
CA LEU B 103 -23.74 3.23 17.17
C LEU B 103 -23.01 1.96 16.80
N THR B 104 -23.71 1.08 16.12
CA THR B 104 -23.14 -0.12 15.61
C THR B 104 -23.04 -0.09 14.10
N THR B 105 -23.99 0.59 13.45
CA THR B 105 -24.20 0.47 12.02
C THR B 105 -24.81 1.76 11.48
N GLU B 106 -24.45 2.14 10.25
CA GLU B 106 -25.14 3.24 9.56
C GLU B 106 -25.12 3.04 8.06
N GLY B 107 -26.14 3.54 7.36
CA GLY B 107 -26.20 3.36 5.92
C GLY B 107 -27.40 4.07 5.37
N TYR B 108 -27.80 3.69 4.15
CA TYR B 108 -29.05 4.22 3.53
C TYR B 108 -29.58 3.28 2.48
N VAL B 109 -30.85 3.46 2.10
CA VAL B 109 -31.38 2.87 0.86
C VAL B 109 -32.10 3.96 0.10
N ILE B 110 -31.82 4.02 -1.19
CA ILE B 110 -32.56 4.89 -2.08
C ILE B 110 -33.68 4.12 -2.71
N GLN B 111 -34.90 4.59 -2.52
CA GLN B 111 -36.04 3.97 -3.16
C GLN B 111 -36.69 4.85 -4.19
N ILE B 112 -37.16 4.22 -5.27
CA ILE B 112 -37.81 4.89 -6.38
C ILE B 112 -39.25 4.42 -6.51
N ALA B 113 -40.11 5.38 -6.79
CA ALA B 113 -41.51 5.14 -7.04
C ALA B 113 -41.62 4.71 -8.50
N ILE B 114 -42.27 3.58 -8.74
CA ILE B 114 -42.45 3.08 -10.08
C ILE B 114 -43.89 2.62 -10.25
N ASN B 115 -44.38 2.70 -11.47
CA ASN B 115 -45.58 1.99 -11.88
C ASN B 115 -45.12 0.65 -12.36
N PRO B 116 -45.39 -0.41 -11.58
CA PRO B 116 -44.92 -1.75 -11.96
C PRO B 116 -45.51 -2.39 -13.22
N LYS B 117 -46.64 -1.87 -13.70
CA LYS B 117 -47.23 -2.42 -14.90
C LYS B 117 -46.37 -2.16 -16.14
N ILE B 118 -45.78 -0.97 -16.24
CA ILE B 118 -44.79 -0.68 -17.30
C ILE B 118 -43.37 -0.85 -16.78
N TRP B 119 -43.24 -0.93 -15.46
CA TRP B 119 -41.96 -0.97 -14.84
C TRP B 119 -41.06 0.22 -15.24
N LYS B 120 -41.56 1.43 -15.02
CA LYS B 120 -40.74 2.65 -15.12
C LYS B 120 -41.02 3.55 -13.95
N SER B 121 -40.11 4.48 -13.70
CA SER B 121 -40.25 5.39 -12.58
C SER B 121 -41.49 6.26 -12.73
N THR B 122 -42.10 6.67 -11.63
CA THR B 122 -43.30 7.48 -11.71
C THR B 122 -43.38 8.49 -10.57
N GLU B 123 -43.94 9.66 -10.85
CA GLU B 123 -44.01 10.72 -9.84
C GLU B 123 -45.03 10.36 -8.75
N PRO B 125 -47.88 10.78 -6.04
CA PRO B 125 -49.02 11.71 -5.92
C PRO B 125 -48.77 12.84 -4.92
N LYS B 126 -49.44 13.97 -5.09
CA LYS B 126 -49.24 15.10 -4.20
C LYS B 126 -49.60 14.79 -2.77
N GLU B 127 -50.61 13.95 -2.56
CA GLU B 127 -51.08 13.61 -1.22
C GLU B 127 -49.94 13.01 -0.43
N ILE B 128 -49.16 12.16 -1.09
CA ILE B 128 -48.07 11.43 -0.46
C ILE B 128 -46.89 12.33 -0.15
N ASP B 130 -47.21 15.57 0.20
CA ASP B 130 -47.75 16.44 1.28
C ASP B 130 -47.51 15.83 2.67
N LYS B 131 -47.98 14.59 2.86
CA LYS B 131 -47.76 13.84 4.12
C LYS B 131 -46.25 13.75 4.47
N LEU B 132 -45.43 13.39 3.50
CA LEU B 132 -43.98 13.22 3.69
C LEU B 132 -43.22 14.49 4.09
N SER B 133 -43.78 15.65 3.79
CA SER B 133 -43.08 16.90 4.10
C SER B 133 -43.27 17.38 5.54
N ILE B 134 -44.10 16.69 6.33
CA ILE B 134 -44.43 17.10 7.69
C ILE B 134 -43.48 16.40 8.67
N LYS B 135 -42.69 17.16 9.43
CA LYS B 135 -41.63 16.57 10.24
C LYS B 135 -42.16 15.77 11.44
N TYR C 7 24.41 4.38 18.17
CA TYR C 7 25.22 3.68 17.12
C TYR C 7 26.05 4.66 16.27
N VAL C 8 27.34 4.39 16.18
CA VAL C 8 28.29 5.28 15.54
C VAL C 8 28.90 4.69 14.28
N PHE C 9 28.89 5.47 13.19
CA PHE C 9 29.43 5.09 11.90
C PHE C 9 30.35 6.22 11.37
N GLU C 10 31.52 5.84 10.85
CA GLU C 10 32.43 6.81 10.29
C GLU C 10 32.34 6.82 8.78
N ASP C 11 32.47 8.00 8.19
CA ASP C 11 32.46 8.16 6.72
C ASP C 11 33.37 9.32 6.29
N VAL C 12 33.57 9.46 4.98
CA VAL C 12 34.44 10.51 4.47
C VAL C 12 33.79 11.14 3.24
N VAL C 13 33.99 12.44 3.10
CA VAL C 13 33.38 13.17 2.00
C VAL C 13 34.26 13.00 0.75
N ARG C 14 33.64 12.52 -0.31
CA ARG C 14 34.32 12.24 -1.56
C ARG C 14 33.85 13.19 -2.63
N ILE C 15 34.57 13.20 -3.76
CA ILE C 15 34.31 14.10 -4.89
C ILE C 15 32.89 13.95 -5.41
N TYR C 16 32.39 12.71 -5.50
CA TYR C 16 31.00 12.46 -5.91
C TYR C 16 29.95 12.90 -4.90
N ASP C 17 30.34 13.22 -3.69
CA ASP C 17 29.42 13.80 -2.73
C ASP C 17 29.29 15.33 -2.88
N THR C 18 30.09 15.94 -3.77
CA THR C 18 30.20 17.40 -3.86
C THR C 18 29.58 17.94 -5.13
N ASP C 19 29.13 19.18 -5.10
CA ASP C 19 28.73 19.92 -6.30
C ASP C 19 29.59 21.16 -6.47
N ALA C 20 29.28 21.98 -7.47
CA ALA C 20 30.10 23.18 -7.80
C ALA C 20 30.20 24.20 -6.67
N GLN C 21 29.33 24.09 -5.67
CA GLN C 21 29.39 24.97 -4.51
C GLN C 21 30.43 24.55 -3.50
N GLY C 22 31.20 23.50 -3.80
CA GLY C 22 32.36 23.13 -3.00
C GLY C 22 32.06 22.41 -1.71
N ILE C 23 30.82 21.98 -1.55
CA ILE C 23 30.30 21.38 -0.32
C ILE C 23 29.47 20.15 -0.65
N ALA C 24 29.22 19.31 0.35
CA ALA C 24 28.43 18.08 0.12
C ALA C 24 26.99 18.47 -0.26
N HIS C 25 26.46 17.77 -1.25
CA HIS C 25 25.13 18.07 -1.75
C HIS C 25 24.04 17.18 -1.13
N TYR C 26 22.79 17.55 -1.39
CA TYR C 26 21.59 16.90 -0.85
C TYR C 26 21.58 15.38 -0.88
N ALA C 27 22.13 14.80 -1.94
CA ALA C 27 22.16 13.36 -2.13
C ALA C 27 23.26 12.70 -1.33
N ALA C 28 24.34 13.44 -1.06
CA ALA C 28 25.44 12.93 -0.28
C ALA C 28 24.98 12.53 1.11
N TYR C 29 24.05 13.29 1.67
CA TYR C 29 23.60 13.05 3.03
C TYR C 29 22.80 11.73 3.11
N TYR C 30 22.10 11.40 2.02
CA TYR C 30 21.35 10.16 1.89
C TYR C 30 22.30 9.00 1.88
N ARG C 31 23.43 9.17 1.19
CA ARG C 31 24.50 8.17 1.13
C ARG C 31 25.09 7.94 2.52
N PHE C 32 25.30 9.02 3.27
CA PHE C 32 25.75 8.91 4.64
C PHE C 32 24.74 8.19 5.54
N PHE C 33 23.49 8.64 5.55
CA PHE C 33 22.54 8.02 6.47
C PHE C 33 22.09 6.62 5.99
N THR C 34 22.02 6.39 4.68
CA THR C 34 21.80 5.04 4.18
C THR C 34 22.91 4.08 4.62
N ASN C 35 24.16 4.51 4.47
CA ASN C 35 25.30 3.68 4.86
C ASN C 35 25.17 3.35 6.33
N THR C 36 24.78 4.36 7.09
CA THR C 36 24.70 4.21 8.53
C THR C 36 23.56 3.26 8.90
N ILE C 37 22.37 3.49 8.36
CA ILE C 37 21.23 2.62 8.65
C ILE C 37 21.60 1.20 8.22
N GLU C 38 22.23 1.05 7.06
CA GLU C 38 22.48 -0.27 6.52
C GLU C 38 23.47 -1.12 7.36
N LYS C 39 24.54 -0.50 7.86
CA LYS C 39 25.51 -1.22 8.69
C LYS C 39 24.88 -1.55 10.03
N PHE C 40 24.06 -0.61 10.53
CA PHE C 40 23.34 -0.84 11.77
C PHE C 40 22.47 -2.11 11.69
N ILE C 41 21.71 -2.24 10.62
CA ILE C 41 20.74 -3.33 10.51
C ILE C 41 21.42 -4.64 10.22
N LYS C 42 22.50 -4.55 9.46
CA LYS C 42 23.38 -5.67 9.21
C LYS C 42 23.95 -6.19 10.52
N GLU C 43 24.50 -5.29 11.34
CA GLU C 43 25.17 -5.68 12.59
C GLU C 43 24.20 -6.01 13.73
N LYS C 44 23.10 -5.26 13.88
CA LYS C 44 22.18 -5.51 15.01
C LYS C 44 21.05 -6.51 14.70
N VAL C 45 20.57 -6.53 13.46
CA VAL C 45 19.44 -7.40 13.11
C VAL C 45 19.84 -8.60 12.25
N GLY C 46 20.85 -8.42 11.41
CA GLY C 46 21.41 -9.52 10.64
C GLY C 46 20.63 -9.78 9.38
N ILE C 47 20.04 -8.72 8.84
CA ILE C 47 19.30 -8.79 7.61
C ILE C 47 19.79 -7.72 6.62
N PRO C 48 19.57 -7.95 5.31
CA PRO C 48 19.77 -6.90 4.31
C PRO C 48 18.82 -5.72 4.48
N TYR C 49 19.19 -4.60 3.89
CA TYR C 49 18.41 -3.37 3.95
C TYR C 49 18.64 -2.63 2.64
N PRO C 50 17.56 -2.05 2.04
CA PRO C 50 16.17 -2.01 2.42
C PRO C 50 15.31 -3.11 1.84
N ILE C 51 15.90 -4.05 1.11
CA ILE C 51 15.14 -5.19 0.63
C ILE C 51 15.49 -6.38 1.48
N VAL C 52 14.55 -6.82 2.31
CA VAL C 52 14.81 -7.88 3.24
C VAL C 52 14.58 -9.21 2.54
N ASN C 53 13.35 -9.41 2.06
CA ASN C 53 12.95 -10.59 1.29
C ASN C 53 11.78 -10.21 0.38
N GLU C 54 11.23 -11.19 -0.34
CA GLU C 54 10.08 -11.03 -1.27
C GLU C 54 8.79 -10.49 -0.69
N ASN C 55 8.63 -10.63 0.62
CA ASN C 55 7.45 -10.19 1.35
C ASN C 55 7.73 -8.96 2.23
N LEU C 56 8.95 -8.43 2.21
CA LEU C 56 9.28 -7.35 3.15
C LEU C 56 10.34 -6.41 2.63
N TRP C 57 9.91 -5.17 2.38
CA TRP C 57 10.81 -4.07 2.03
C TRP C 57 10.56 -2.90 2.96
N PHE C 58 11.57 -2.04 3.08
CA PHE C 58 11.42 -0.76 3.75
C PHE C 58 11.47 0.35 2.70
N VAL C 59 10.48 1.23 2.76
CA VAL C 59 10.42 2.40 1.87
C VAL C 59 10.28 3.67 2.73
N ILE C 60 10.76 4.80 2.19
CA ILE C 60 10.84 6.06 2.93
C ILE C 60 9.52 6.80 2.84
N ALA C 61 8.92 7.09 3.99
CA ALA C 61 7.64 7.79 4.09
C ALA C 61 7.78 9.30 4.27
N GLU C 62 8.87 9.69 4.88
CA GLU C 62 9.11 11.06 5.23
C GLU C 62 10.60 11.32 5.43
N SER C 63 11.06 12.48 4.97
CA SER C 63 12.43 12.96 5.18
C SER C 63 12.45 14.37 5.82
N HIS C 64 13.47 14.59 6.63
CA HIS C 64 13.74 15.89 7.19
C HIS C 64 15.21 16.02 7.49
N ALA C 65 15.78 17.20 7.19
CA ALA C 65 17.13 17.54 7.64
C ALA C 65 17.31 19.05 7.79
N ILE C 66 18.21 19.39 8.68
CA ILE C 66 18.65 20.74 8.96
C ILE C 66 20.14 20.69 8.82
N TYR C 67 20.64 21.54 7.92
CA TYR C 67 22.05 21.60 7.60
C TYR C 67 22.64 22.87 8.22
N HIS C 68 23.33 22.70 9.34
CA HIS C 68 23.90 23.79 10.13
C HIS C 68 25.21 24.34 9.53
N ARG C 69 26.09 23.44 9.11
CA ARG C 69 27.36 23.82 8.57
C ARG C 69 27.61 22.90 7.43
N PRO C 70 28.37 23.35 6.43
CA PRO C 70 28.66 22.51 5.29
C PRO C 70 29.74 21.52 5.65
N VAL C 71 29.84 20.45 4.86
CA VAL C 71 30.97 19.55 4.91
C VAL C 71 31.59 19.54 3.51
N LYS C 72 32.89 19.30 3.47
CA LYS C 72 33.70 19.59 2.29
C LYS C 72 34.52 18.36 1.93
N LEU C 73 35.13 18.40 0.73
CA LEU C 73 35.84 17.26 0.15
C LEU C 73 36.93 16.79 1.11
N GLY C 74 36.93 15.50 1.43
CA GLY C 74 37.95 14.91 2.26
C GLY C 74 37.69 15.02 3.76
N ASP C 75 36.57 15.65 4.14
CA ASP C 75 36.23 15.72 5.56
C ASP C 75 35.86 14.35 6.10
N LYS C 76 36.30 14.09 7.33
CA LYS C 76 35.93 12.88 8.07
C LYS C 76 34.70 13.16 8.93
N LEU C 77 33.65 12.39 8.70
CA LEU C 77 32.40 12.55 9.41
C LEU C 77 32.17 11.41 10.41
N THR C 78 31.43 11.73 11.47
CA THR C 78 30.84 10.72 12.36
C THR C 78 29.31 10.87 12.25
N VAL C 79 28.63 9.76 11.96
CA VAL C 79 27.16 9.73 11.90
C VAL C 79 26.68 8.94 13.11
N LEU C 80 25.86 9.59 13.91
CA LEU C 80 25.24 8.94 15.05
C LEU C 80 23.82 8.58 14.63
N LEU C 81 23.38 7.36 14.91
CA LEU C 81 22.02 6.91 14.57
C LEU C 81 21.20 6.64 15.83
N ASN C 82 20.00 7.19 15.91
CA ASN C 82 19.04 6.80 16.95
C ASN C 82 17.75 6.23 16.34
N PRO C 83 17.71 4.90 16.11
CA PRO C 83 16.52 4.30 15.52
C PRO C 83 15.44 4.34 16.57
N LYS C 84 14.19 4.42 16.14
CA LYS C 84 13.12 4.62 17.09
C LYS C 84 11.90 3.95 16.51
N ILE C 85 11.48 2.85 17.12
CA ILE C 85 10.35 2.09 16.61
C ILE C 85 9.06 2.82 16.92
N LEU C 86 8.29 3.11 15.87
CA LEU C 86 7.04 3.81 16.04
C LEU C 86 5.84 2.87 16.15
N SER C 87 5.90 1.71 15.49
CA SER C 87 4.81 0.74 15.52
C SER C 87 5.33 -0.50 14.82
N ASN C 88 4.49 -1.55 14.77
CA ASN C 88 4.78 -2.77 14.02
C ASN C 88 5.14 -2.54 12.56
N LYS C 89 4.79 -1.38 12.00
CA LYS C 89 5.10 -1.09 10.59
C LYS C 89 6.14 0.01 10.37
N THR C 90 6.45 0.82 11.39
CA THR C 90 7.19 2.08 11.18
C THR C 90 8.39 2.29 12.12
N ILE C 91 9.53 2.64 11.53
CA ILE C 91 10.75 3.01 12.25
C ILE C 91 11.20 4.42 11.85
N LYS C 92 11.51 5.22 12.87
CA LYS C 92 12.11 6.53 12.70
C LYS C 92 13.59 6.39 12.95
N PHE C 93 14.40 6.70 11.94
CA PHE C 93 15.85 6.73 12.09
C PHE C 93 16.31 8.18 12.20
N GLU C 94 16.62 8.61 13.41
CA GLU C 94 17.19 9.92 13.65
C GLU C 94 18.67 9.83 13.48
N PHE C 95 19.26 10.88 12.90
CA PHE C 95 20.72 10.93 12.71
C PHE C 95 21.24 12.31 12.99
N LYS C 96 22.50 12.36 13.38
CA LYS C 96 23.28 13.58 13.36
C LYS C 96 24.64 13.32 12.73
N VAL C 97 25.17 14.33 12.06
CA VAL C 97 26.50 14.25 11.49
C VAL C 97 27.41 15.22 12.20
N LEU C 98 28.56 14.73 12.65
CA LEU C 98 29.58 15.55 13.27
C LEU C 98 30.85 15.59 12.43
N LYS C 99 31.48 16.76 12.37
CA LYS C 99 32.82 16.90 11.81
C LYS C 99 33.67 17.62 12.84
N ASP C 100 34.79 17.00 13.23
CA ASP C 100 35.66 17.48 14.30
C ASP C 100 34.93 17.60 15.65
N GLY C 101 34.07 16.62 15.92
CA GLY C 101 33.29 16.58 17.14
C GLY C 101 32.19 17.64 17.22
N GLU C 102 31.93 18.33 16.12
CA GLU C 102 30.98 19.44 16.09
C GLU C 102 29.85 19.14 15.14
N LEU C 103 28.65 19.40 15.59
CA LEU C 103 27.45 19.03 14.86
C LEU C 103 27.43 19.75 13.54
N THR C 104 27.23 19.03 12.43
CA THR C 104 26.99 19.70 11.17
C THR C 104 25.55 19.56 10.70
N THR C 105 24.92 18.42 10.96
CA THR C 105 23.65 18.08 10.32
C THR C 105 22.80 17.22 11.24
N GLU C 106 21.50 17.23 10.98
CA GLU C 106 20.52 16.75 11.95
C GLU C 106 19.24 16.48 11.18
N GLY C 107 18.67 15.29 11.35
CA GLY C 107 17.49 14.94 10.57
C GLY C 107 16.99 13.58 10.91
N TYR C 108 16.11 13.06 10.07
CA TYR C 108 15.55 11.75 10.26
C TYR C 108 14.91 11.28 8.96
N VAL C 109 14.76 9.97 8.82
CA VAL C 109 13.80 9.40 7.88
C VAL C 109 12.87 8.46 8.63
N ILE C 110 11.61 8.46 8.20
CA ILE C 110 10.63 7.47 8.60
C ILE C 110 10.59 6.42 7.52
N GLN C 111 10.76 5.15 7.90
CA GLN C 111 10.60 4.05 6.95
C GLN C 111 9.45 3.15 7.37
N ILE C 112 8.68 2.72 6.38
CA ILE C 112 7.56 1.81 6.56
C ILE C 112 7.91 0.48 5.95
N ALA C 113 7.70 -0.59 6.71
CA ALA C 113 7.75 -1.95 6.21
C ALA C 113 6.54 -2.21 5.33
N ILE C 114 6.79 -2.64 4.08
CA ILE C 114 5.72 -3.03 3.15
C ILE C 114 5.87 -4.44 2.58
N ASN C 115 4.73 -5.04 2.23
CA ASN C 115 4.70 -6.23 1.40
C ASN C 115 4.63 -5.70 -0.02
N PRO C 116 5.71 -5.87 -0.81
CA PRO C 116 5.79 -5.37 -2.16
C PRO C 116 4.95 -6.12 -3.18
N LYS C 117 4.58 -7.35 -2.87
CA LYS C 117 3.64 -8.08 -3.70
C LYS C 117 2.29 -7.37 -3.79
N ILE C 118 1.86 -6.72 -2.71
CA ILE C 118 0.61 -5.97 -2.73
C ILE C 118 0.78 -4.48 -2.64
N TRP C 119 2.00 -4.04 -2.35
CA TRP C 119 2.38 -2.64 -2.17
C TRP C 119 1.56 -1.94 -1.11
N LYS C 120 1.53 -2.54 0.08
CA LYS C 120 0.80 -2.01 1.22
C LYS C 120 1.68 -2.26 2.43
N SER C 121 1.50 -1.45 3.47
CA SER C 121 2.29 -1.62 4.68
C SER C 121 1.93 -2.94 5.37
N THR C 122 2.94 -3.52 6.02
CA THR C 122 2.88 -4.88 6.55
C THR C 122 3.65 -4.93 7.90
N GLU C 123 3.24 -5.82 8.80
CA GLU C 123 3.81 -5.85 10.14
C GLU C 123 5.18 -6.51 10.15
N PRO C 125 8.23 -8.69 11.52
CA PRO C 125 8.36 -9.84 12.44
C PRO C 125 8.93 -9.42 13.80
N LYS C 126 8.46 -10.06 14.86
CA LYS C 126 8.87 -9.68 16.23
C LYS C 126 10.38 -9.84 16.37
N GLU C 127 10.89 -10.95 15.84
CA GLU C 127 12.33 -11.21 15.78
C GLU C 127 13.08 -9.95 15.39
N ILE C 128 12.70 -9.40 14.24
CA ILE C 128 13.33 -8.20 13.73
C ILE C 128 13.17 -7.05 14.71
N ASP C 130 12.49 -6.93 18.02
CA ASP C 130 13.24 -7.18 19.26
C ASP C 130 14.69 -6.64 19.19
N LYS C 131 15.28 -6.70 18.00
CA LYS C 131 16.65 -6.26 17.78
C LYS C 131 16.72 -4.78 17.43
CA TYR D 7 46.17 -3.25 -5.96
C TYR D 7 44.70 -3.49 -5.68
N VAL D 8 44.38 -3.90 -4.45
CA VAL D 8 43.08 -4.48 -4.11
C VAL D 8 42.24 -3.64 -3.13
N PHE D 9 41.04 -3.28 -3.55
CA PHE D 9 40.07 -2.56 -2.71
C PHE D 9 38.76 -3.35 -2.72
N GLU D 10 38.08 -3.40 -1.57
CA GLU D 10 36.82 -4.12 -1.48
C GLU D 10 35.67 -3.12 -1.33
N ASP D 11 34.55 -3.38 -1.98
CA ASP D 11 33.38 -2.51 -1.83
C ASP D 11 32.12 -3.37 -1.79
N VAL D 12 30.97 -2.72 -1.69
CA VAL D 12 29.68 -3.40 -1.60
C VAL D 12 28.62 -2.61 -2.36
N VAL D 13 27.77 -3.36 -3.04
CA VAL D 13 26.72 -2.78 -3.87
C VAL D 13 25.55 -2.37 -2.98
N ARG D 14 25.20 -1.09 -3.04
CA ARG D 14 24.23 -0.49 -2.16
C ARG D 14 23.02 -0.07 -2.97
N ILE D 15 21.93 0.29 -2.27
CA ILE D 15 20.68 0.60 -2.97
C ILE D 15 20.87 1.77 -3.92
N TYR D 16 21.68 2.73 -3.54
CA TYR D 16 21.95 3.89 -4.39
C TYR D 16 22.87 3.58 -5.59
N ASP D 17 23.39 2.36 -5.66
CA ASP D 17 24.20 1.92 -6.79
C ASP D 17 23.33 1.24 -7.84
N THR D 18 22.03 1.08 -7.54
CA THR D 18 21.12 0.35 -8.42
C THR D 18 20.08 1.26 -9.04
N ASP D 19 19.59 0.84 -10.20
CA ASP D 19 18.37 1.39 -10.78
C ASP D 19 17.31 0.32 -10.89
N ALA D 20 16.16 0.70 -11.47
CA ALA D 20 15.03 -0.21 -11.66
C ALA D 20 15.35 -1.47 -12.42
N GLN D 21 16.46 -1.55 -13.17
CA GLN D 21 16.87 -2.87 -13.77
C GLN D 21 17.49 -3.83 -12.72
N GLY D 22 17.59 -3.39 -11.45
CA GLY D 22 17.96 -4.32 -10.35
C GLY D 22 19.44 -4.72 -10.28
N ILE D 23 20.28 -3.90 -10.91
CA ILE D 23 21.69 -4.17 -11.09
C ILE D 23 22.36 -2.82 -10.99
N ALA D 24 23.68 -2.84 -10.78
CA ALA D 24 24.46 -1.62 -10.64
C ALA D 24 24.46 -0.79 -11.94
N HIS D 25 24.27 0.52 -11.79
CA HIS D 25 24.14 1.45 -12.93
C HIS D 25 25.49 2.11 -13.32
N TYR D 26 25.48 2.80 -14.47
CA TYR D 26 26.68 3.38 -15.09
C TYR D 26 27.48 4.17 -14.08
N ALA D 27 26.78 4.99 -13.30
CA ALA D 27 27.40 5.81 -12.27
C ALA D 27 27.99 5.04 -11.10
N ALA D 28 27.46 3.87 -10.79
CA ALA D 28 27.96 3.10 -9.64
C ALA D 28 29.38 2.62 -9.82
N TYR D 29 29.71 2.31 -11.05
CA TYR D 29 31.05 1.86 -11.38
C TYR D 29 32.04 3.00 -11.19
N TYR D 30 31.61 4.23 -11.43
CA TYR D 30 32.42 5.42 -11.11
C TYR D 30 32.69 5.53 -9.60
N ARG D 31 31.69 5.27 -8.76
CA ARG D 31 31.91 5.26 -7.31
C ARG D 31 32.93 4.22 -6.85
N PHE D 32 32.87 3.03 -7.44
CA PHE D 32 33.76 1.93 -7.04
C PHE D 32 35.21 2.21 -7.46
N PHE D 33 35.40 2.65 -8.72
CA PHE D 33 36.75 2.96 -9.19
C PHE D 33 37.31 4.26 -8.58
N THR D 34 36.44 5.20 -8.24
CA THR D 34 36.89 6.43 -7.56
C THR D 34 37.34 6.11 -6.13
N ASN D 35 36.63 5.20 -5.46
CA ASN D 35 37.04 4.83 -4.09
C ASN D 35 38.34 4.08 -4.11
N THR D 36 38.52 3.24 -5.12
CA THR D 36 39.76 2.49 -5.29
C THR D 36 40.94 3.41 -5.56
N ILE D 37 40.74 4.35 -6.47
CA ILE D 37 41.79 5.28 -6.85
C ILE D 37 42.11 6.21 -5.70
N GLU D 38 41.08 6.75 -5.06
CA GLU D 38 41.27 7.73 -3.99
C GLU D 38 42.06 7.13 -2.81
N LYS D 39 41.85 5.84 -2.55
CA LYS D 39 42.51 5.15 -1.45
C LYS D 39 43.93 4.71 -1.80
N PHE D 40 44.15 4.32 -3.05
CA PHE D 40 45.49 4.04 -3.51
C PHE D 40 46.33 5.28 -3.32
N ILE D 41 45.89 6.38 -3.90
CA ILE D 41 46.66 7.62 -3.85
C ILE D 41 46.94 8.08 -2.40
N LYS D 42 45.91 8.09 -1.57
CA LYS D 42 46.08 8.47 -0.17
C LYS D 42 47.01 7.50 0.55
N GLU D 43 46.67 6.20 0.49
CA GLU D 43 47.47 5.18 1.17
C GLU D 43 48.87 5.07 0.59
N LYS D 44 49.02 5.11 -0.73
CA LYS D 44 50.37 5.00 -1.33
C LYS D 44 51.14 6.31 -1.46
N VAL D 45 50.50 7.32 -2.05
CA VAL D 45 51.21 8.57 -2.32
C VAL D 45 51.15 9.54 -1.14
N GLY D 46 50.08 9.44 -0.34
CA GLY D 46 49.88 10.30 0.80
C GLY D 46 49.43 11.72 0.46
N ILE D 47 48.65 11.87 -0.62
CA ILE D 47 48.06 13.16 -0.94
C ILE D 47 46.55 12.99 -1.25
N PRO D 48 45.77 14.09 -1.28
CA PRO D 48 44.35 14.02 -1.58
C PRO D 48 44.11 13.91 -3.07
N TYR D 49 43.03 13.22 -3.44
CA TYR D 49 42.63 13.09 -4.85
C TYR D 49 41.11 13.36 -4.92
N PRO D 50 40.63 13.96 -6.03
CA PRO D 50 41.32 14.43 -7.22
C PRO D 50 41.79 15.88 -7.15
N ILE D 51 41.41 16.60 -6.11
CA ILE D 51 41.96 17.94 -5.88
C ILE D 51 43.11 17.82 -4.88
N VAL D 52 44.33 18.11 -5.35
CA VAL D 52 45.50 17.98 -4.49
C VAL D 52 45.65 19.29 -3.71
N ASN D 53 45.64 20.38 -4.45
CA ASN D 53 45.62 21.69 -3.86
C ASN D 53 45.04 22.67 -4.85
N GLU D 54 45.10 23.95 -4.53
CA GLU D 54 44.42 24.97 -5.35
C GLU D 54 44.98 25.09 -6.78
N ASN D 55 46.24 24.70 -6.97
CA ASN D 55 46.92 24.84 -8.25
C ASN D 55 47.27 23.49 -8.92
N LEU D 56 46.65 22.40 -8.46
CA LEU D 56 46.91 21.08 -9.03
C LEU D 56 45.73 20.14 -8.84
N TRP D 57 45.02 19.84 -9.92
CA TRP D 57 43.90 18.87 -9.94
C TRP D 57 44.19 17.70 -10.86
N PHE D 58 43.46 16.60 -10.68
CA PHE D 58 43.37 15.52 -11.68
C PHE D 58 42.02 15.54 -12.36
N VAL D 59 42.02 15.57 -13.68
CA VAL D 59 40.77 15.58 -14.43
C VAL D 59 40.76 14.43 -15.42
N ILE D 60 39.60 13.83 -15.64
CA ILE D 60 39.53 12.65 -16.46
C ILE D 60 39.40 13.07 -17.90
N ALA D 61 40.29 12.54 -18.74
CA ALA D 61 40.32 12.82 -20.17
C ALA D 61 39.62 11.78 -21.02
N GLU D 62 39.46 10.57 -20.50
CA GLU D 62 38.96 9.46 -21.28
C GLU D 62 38.52 8.40 -20.31
N SER D 63 37.43 7.71 -20.64
CA SER D 63 36.91 6.59 -19.84
C SER D 63 36.52 5.43 -20.74
N HIS D 64 36.62 4.22 -20.18
CA HIS D 64 36.23 3.00 -20.89
C HIS D 64 35.90 1.90 -19.89
N ALA D 65 34.87 1.12 -20.21
CA ALA D 65 34.43 0.00 -19.40
C ALA D 65 33.67 -1.00 -20.26
N ILE D 66 33.89 -2.27 -19.97
CA ILE D 66 33.23 -3.38 -20.63
C ILE D 66 32.57 -4.11 -19.50
N TYR D 67 31.27 -4.34 -19.61
CA TYR D 67 30.50 -4.87 -18.52
C TYR D 67 30.12 -6.28 -18.87
N HIS D 68 30.98 -7.22 -18.48
CA HIS D 68 30.79 -8.64 -18.76
C HIS D 68 29.59 -9.23 -18.02
N ARG D 69 29.50 -8.98 -16.70
CA ARG D 69 28.40 -9.47 -15.88
C ARG D 69 27.82 -8.40 -14.99
N PRO D 70 26.55 -8.54 -14.61
CA PRO D 70 26.02 -7.53 -13.73
C PRO D 70 26.42 -7.82 -12.30
N VAL D 71 26.36 -6.79 -11.47
CA VAL D 71 26.43 -6.96 -10.03
C VAL D 71 25.17 -6.35 -9.43
N LYS D 72 24.81 -6.83 -8.25
CA LYS D 72 23.49 -6.57 -7.70
C LYS D 72 23.56 -6.19 -6.23
N LEU D 73 22.41 -5.82 -5.70
CA LEU D 73 22.31 -5.32 -4.35
C LEU D 73 22.87 -6.30 -3.34
N GLY D 74 23.82 -5.82 -2.53
CA GLY D 74 24.40 -6.61 -1.43
C GLY D 74 25.65 -7.34 -1.80
N ASP D 75 25.93 -7.46 -3.08
CA ASP D 75 27.14 -8.11 -3.56
C ASP D 75 28.43 -7.44 -3.08
N LYS D 76 29.38 -8.26 -2.66
CA LYS D 76 30.70 -7.84 -2.22
C LYS D 76 31.61 -7.84 -3.42
N LEU D 77 32.27 -6.72 -3.67
CA LEU D 77 33.12 -6.55 -4.84
C LEU D 77 34.57 -6.45 -4.42
N THR D 78 35.43 -6.99 -5.28
CA THR D 78 36.85 -6.71 -5.20
C THR D 78 37.18 -5.95 -6.45
N VAL D 79 37.87 -4.82 -6.30
CA VAL D 79 38.37 -4.04 -7.44
C VAL D 79 39.89 -4.15 -7.44
N LEU D 80 40.44 -4.50 -8.61
CA LEU D 80 41.88 -4.54 -8.82
C LEU D 80 42.31 -3.29 -9.57
N LEU D 81 43.28 -2.57 -9.02
CA LEU D 81 43.82 -1.37 -9.63
C LEU D 81 45.24 -1.63 -10.17
N ASN D 82 45.47 -1.26 -11.42
CA ASN D 82 46.81 -1.21 -12.00
C ASN D 82 47.07 0.15 -12.63
N PRO D 83 47.69 1.08 -11.88
CA PRO D 83 48.00 2.40 -12.44
C PRO D 83 49.20 2.39 -13.36
N LYS D 84 49.06 2.91 -14.58
CA LYS D 84 50.19 3.05 -15.48
C LYS D 84 50.46 4.52 -15.74
N ILE D 85 51.71 4.92 -15.51
CA ILE D 85 52.18 6.26 -15.85
C ILE D 85 52.41 6.27 -17.35
N LEU D 86 51.62 7.07 -18.07
CA LEU D 86 51.73 7.15 -19.53
C LEU D 86 52.64 8.29 -19.91
N SER D 87 52.58 9.39 -19.16
CA SER D 87 53.54 10.48 -19.28
C SER D 87 53.68 11.24 -17.96
N ASN D 88 54.48 12.29 -18.01
CA ASN D 88 54.72 13.19 -16.88
C ASN D 88 53.45 13.91 -16.42
N LYS D 89 52.45 13.97 -17.31
CA LYS D 89 51.15 14.60 -17.03
C LYS D 89 49.98 13.61 -16.89
N THR D 90 50.16 12.35 -17.27
CA THR D 90 49.04 11.48 -17.62
C THR D 90 49.10 10.08 -17.00
N ILE D 91 48.04 9.70 -16.29
CA ILE D 91 47.98 8.38 -15.67
C ILE D 91 46.78 7.61 -16.20
N LYS D 92 47.02 6.36 -16.60
CA LYS D 92 45.96 5.44 -17.01
C LYS D 92 45.67 4.50 -15.84
N PHE D 93 44.52 4.68 -15.20
CA PHE D 93 44.11 3.80 -14.10
C PHE D 93 43.29 2.64 -14.65
N GLU D 94 43.90 1.45 -14.72
CA GLU D 94 43.19 0.26 -15.17
C GLU D 94 42.55 -0.42 -13.99
N PHE D 95 41.33 -0.90 -14.19
CA PHE D 95 40.61 -1.59 -13.16
C PHE D 95 39.87 -2.82 -13.67
N LYS D 96 39.76 -3.81 -12.79
CA LYS D 96 38.90 -4.96 -12.99
C LYS D 96 38.05 -5.10 -11.73
N VAL D 97 36.78 -5.44 -11.90
CA VAL D 97 35.89 -5.70 -10.78
C VAL D 97 35.54 -7.19 -10.71
N LEU D 98 35.70 -7.76 -9.52
CA LEU D 98 35.39 -9.17 -9.24
C LEU D 98 34.19 -9.33 -8.28
N LYS D 99 33.33 -10.29 -8.58
CA LYS D 99 32.25 -10.72 -7.67
C LYS D 99 32.27 -12.24 -7.54
N ASP D 100 32.44 -12.70 -6.30
CA ASP D 100 32.65 -14.10 -6.01
C ASP D 100 33.68 -14.67 -6.97
N GLY D 101 34.84 -14.03 -7.03
CA GLY D 101 35.95 -14.50 -7.86
C GLY D 101 35.76 -14.47 -9.36
N GLU D 102 34.60 -13.97 -9.82
CA GLU D 102 34.31 -13.80 -11.26
C GLU D 102 34.61 -12.38 -11.72
N LEU D 103 35.26 -12.24 -12.89
CA LEU D 103 35.46 -10.93 -13.52
C LEU D 103 34.11 -10.42 -14.06
N THR D 104 33.57 -9.35 -13.47
CA THR D 104 32.31 -8.75 -13.91
C THR D 104 32.49 -7.56 -14.89
N THR D 105 33.61 -6.85 -14.73
CA THR D 105 33.84 -5.56 -15.40
C THR D 105 35.32 -5.35 -15.48
N GLU D 106 35.74 -4.62 -16.51
CA GLU D 106 37.09 -4.07 -16.58
C GLU D 106 37.09 -2.84 -17.47
N GLY D 107 38.02 -1.96 -17.21
CA GLY D 107 37.96 -0.67 -17.83
C GLY D 107 39.12 0.18 -17.36
N TYR D 108 39.03 1.47 -17.64
CA TYR D 108 40.11 2.38 -17.27
C TYR D 108 39.61 3.81 -17.34
N VAL D 109 40.24 4.67 -16.56
CA VAL D 109 40.14 6.12 -16.75
C VAL D 109 41.53 6.72 -16.88
N ILE D 110 41.67 7.63 -17.83
CA ILE D 110 42.92 8.33 -18.06
C ILE D 110 42.76 9.66 -17.39
N GLN D 111 43.70 9.95 -16.47
CA GLN D 111 43.68 11.16 -15.65
C GLN D 111 44.83 12.06 -16.07
N ILE D 112 44.57 13.36 -16.12
CA ILE D 112 45.57 14.35 -16.45
C ILE D 112 45.67 15.35 -15.33
N ALA D 113 46.91 15.65 -14.94
CA ALA D 113 47.23 16.64 -13.94
C ALA D 113 47.14 18.00 -14.59
N ILE D 114 46.38 18.90 -13.98
CA ILE D 114 46.25 20.26 -14.50
C ILE D 114 46.41 21.33 -13.44
N ASN D 115 46.72 22.53 -13.91
CA ASN D 115 46.65 23.74 -13.12
C ASN D 115 45.27 24.37 -13.39
N PRO D 116 44.36 24.33 -12.39
CA PRO D 116 42.98 24.75 -12.63
C PRO D 116 42.82 26.28 -12.82
N LYS D 117 43.83 27.05 -12.44
CA LYS D 117 43.73 28.50 -12.50
C LYS D 117 43.82 28.96 -13.94
N ILE D 118 44.65 28.27 -14.73
CA ILE D 118 44.81 28.53 -16.17
C ILE D 118 44.23 27.44 -17.07
N TRP D 119 43.79 26.33 -16.46
CA TRP D 119 43.24 25.18 -17.18
C TRP D 119 44.17 24.64 -18.27
N LYS D 120 45.37 24.31 -17.81
CA LYS D 120 46.44 23.86 -18.65
C LYS D 120 47.07 22.68 -17.93
N SER D 121 47.28 21.58 -18.65
CA SER D 121 47.96 20.44 -18.07
C SER D 121 49.37 20.82 -17.58
N THR D 122 49.85 20.09 -16.59
CA THR D 122 51.08 20.40 -15.88
C THR D 122 51.72 19.10 -15.39
N GLU D 123 53.02 19.17 -15.20
CA GLU D 123 53.81 18.02 -14.80
C GLU D 123 53.40 17.62 -13.39
N PRO D 125 53.88 15.92 -9.70
CA PRO D 125 54.96 16.23 -8.76
C PRO D 125 56.01 15.13 -8.72
N LYS D 126 57.10 15.39 -8.02
CA LYS D 126 58.10 14.37 -7.75
C LYS D 126 57.64 13.64 -6.48
N GLU D 127 56.54 12.90 -6.63
CA GLU D 127 55.79 12.36 -5.49
C GLU D 127 54.87 11.23 -5.95
N ILE D 128 54.14 11.44 -7.04
CA ILE D 128 53.43 10.34 -7.69
C ILE D 128 54.47 9.37 -8.25
#